data_9GTO
#
_entry.id   9GTO
#
_cell.length_a   111.110
_cell.length_b   34.501
_cell.length_c   55.338
_cell.angle_alpha   90.000
_cell.angle_beta   95.860
_cell.angle_gamma   90.000
#
_symmetry.space_group_name_H-M   'C 1 2 1'
#
loop_
_entity.id
_entity.type
_entity.pdbx_description
1 polymer 'Neuronal calcium sensor 1'
2 non-polymer 'CALCIUM ION'
3 non-polymer '(5-methyl-2-oxidanylidene-1,3-dioxol-4-yl)methyl 2-ethoxy-3-[[4-[2-(5-oxidanylidene-4~{H}-1,2,4-oxadiazol-3-yl)phenyl]phenyl]methyl]benzimidazole-4-carboxylate'
4 non-polymer 'DIMETHYL SULFOXIDE'
5 water water
#
_entity_poly.entity_id   1
_entity_poly.type   'polypeptide(L)'
_entity_poly.pdbx_seq_one_letter_code
;MGKSNSKLKPEVVEELTRKTYFTEKEVQQWYKGFIKDCPSGQLDAAGFQKIYKQFFPFGDPTKFATFVFNVFDENKDGRI
EFSEFIQALSVTSRGTLDEKLRWAFKLYDLDNDGYITRNEMLDIVDAIYQMVGNTVELPEEENTPEKRVDRIFAMMDKNA
DGKLTLQEFQEGSKADP
;
_entity_poly.pdbx_strand_id   B
#
loop_
_chem_comp.id
_chem_comp.type
_chem_comp.name
_chem_comp.formula
A1IPH non-polymer '(5-methyl-2-oxidanylidene-1,3-dioxol-4-yl)methyl 2-ethoxy-3-[[4-[2-(5-oxidanylidene-4~{H}-1,2,4-oxadiazol-3-yl)phenyl]phenyl]methyl]benzimidazole-4-carboxylate' 'C30 H24 N4 O8'
CA non-polymer 'CALCIUM ION' 'Ca 2'
DMS non-polymer 'DIMETHYL SULFOXIDE' 'C2 H6 O S'
#
# COMPACT_ATOMS: atom_id res chain seq x y z
N LYS A 7 10.18 -10.19 -25.64
CA LYS A 7 9.24 -9.19 -26.12
C LYS A 7 7.83 -9.75 -26.13
N LEU A 8 6.84 -8.88 -26.38
CA LEU A 8 5.43 -9.22 -26.30
C LEU A 8 4.79 -9.09 -27.67
N LYS A 9 4.01 -10.10 -28.04
CA LYS A 9 3.39 -10.11 -29.36
C LYS A 9 2.50 -8.89 -29.54
N PRO A 10 2.28 -8.45 -30.79
CA PRO A 10 1.46 -7.24 -31.01
C PRO A 10 0.00 -7.44 -30.66
N GLU A 11 -0.53 -8.66 -30.83
CA GLU A 11 -1.92 -8.91 -30.47
C GLU A 11 -2.10 -8.87 -28.95
N VAL A 12 -1.10 -9.35 -28.22
CA VAL A 12 -1.19 -9.30 -26.76
C VAL A 12 -1.13 -7.88 -26.26
N VAL A 13 -0.25 -7.06 -26.85
CA VAL A 13 -0.13 -5.67 -26.42
C VAL A 13 -1.40 -4.90 -26.76
N GLU A 14 -2.07 -5.25 -27.86
CA GLU A 14 -3.30 -4.55 -28.22
C GLU A 14 -4.42 -4.87 -27.24
N GLU A 15 -4.57 -6.14 -26.86
CA GLU A 15 -5.64 -6.51 -25.96
C GLU A 15 -5.38 -5.97 -24.55
N LEU A 16 -4.14 -6.06 -24.07
CA LEU A 16 -3.84 -5.56 -22.74
C LEU A 16 -4.02 -4.05 -22.65
N THR A 17 -3.53 -3.31 -23.65
CA THR A 17 -3.78 -1.87 -23.68
C THR A 17 -5.28 -1.57 -23.68
N ARG A 18 -6.05 -2.37 -24.41
CA ARG A 18 -7.50 -2.18 -24.46
C ARG A 18 -8.14 -2.39 -23.09
N LYS A 19 -7.72 -3.42 -22.38
CA LYS A 19 -8.36 -3.80 -21.12
C LYS A 19 -7.80 -3.06 -19.91
N THR A 20 -6.79 -2.20 -20.08
CA THR A 20 -6.20 -1.48 -18.96
C THR A 20 -6.10 0.01 -19.30
N TYR A 21 -5.62 0.78 -18.33
CA TYR A 21 -5.48 2.22 -18.46
C TYR A 21 -4.11 2.65 -18.97
N PHE A 22 -3.29 1.71 -19.44
CA PHE A 22 -1.96 2.01 -19.92
C PHE A 22 -1.91 2.10 -21.44
N THR A 23 -0.98 2.91 -21.94
CA THR A 23 -0.71 2.98 -23.37
C THR A 23 0.13 1.78 -23.76
N GLU A 24 0.22 1.51 -25.07
CA GLU A 24 0.98 0.36 -25.55
C GLU A 24 2.42 0.41 -25.05
N LYS A 25 3.06 1.58 -25.11
CA LYS A 25 4.43 1.70 -24.66
C LYS A 25 4.57 1.36 -23.17
N GLU A 26 3.60 1.79 -22.37
CA GLU A 26 3.69 1.54 -20.93
C GLU A 26 3.47 0.06 -20.61
N VAL A 27 2.60 -0.60 -21.36
CA VAL A 27 2.42 -2.04 -21.17
C VAL A 27 3.73 -2.77 -21.45
N GLN A 28 4.43 -2.37 -22.52
CA GLN A 28 5.69 -3.03 -22.86
C GLN A 28 6.78 -2.69 -21.85
N GLN A 29 6.72 -1.51 -21.25
CA GLN A 29 7.68 -1.19 -20.19
C GLN A 29 7.38 -1.96 -18.92
N TRP A 30 6.10 -2.22 -18.65
CA TRP A 30 5.75 -3.03 -17.48
C TRP A 30 6.10 -4.50 -17.70
N TYR A 31 5.99 -4.98 -18.95
CA TYR A 31 6.33 -6.37 -19.22
C TYR A 31 7.83 -6.60 -19.08
N LYS A 32 8.63 -5.61 -19.50
CA LYS A 32 10.08 -5.67 -19.30
C LYS A 32 10.40 -5.78 -17.82
N GLY A 33 9.85 -4.89 -17.01
CA GLY A 33 10.12 -4.94 -15.58
C GLY A 33 9.64 -6.22 -14.93
N PHE A 34 8.51 -6.76 -15.41
CA PHE A 34 8.02 -8.03 -14.89
C PHE A 34 9.02 -9.14 -15.15
N ILE A 35 9.51 -9.25 -16.40
CA ILE A 35 10.44 -10.32 -16.73
C ILE A 35 11.80 -10.10 -16.07
N LYS A 36 12.17 -8.85 -15.84
CA LYS A 36 13.47 -8.57 -15.22
C LYS A 36 13.51 -9.09 -13.79
N ASP A 37 12.48 -8.79 -12.99
CA ASP A 37 12.39 -9.21 -11.60
C ASP A 37 11.55 -10.47 -11.44
N CYS A 38 11.35 -11.23 -12.51
CA CYS A 38 10.56 -12.46 -12.50
C CYS A 38 10.86 -13.21 -13.79
N PRO A 39 12.06 -13.76 -13.95
CA PRO A 39 12.47 -14.26 -15.28
C PRO A 39 11.58 -15.38 -15.81
N SER A 40 11.03 -16.22 -14.93
CA SER A 40 10.22 -17.34 -15.38
C SER A 40 8.89 -16.93 -15.97
N GLY A 41 8.56 -15.63 -15.96
CA GLY A 41 7.25 -15.18 -16.40
C GLY A 41 6.11 -15.50 -15.47
N GLN A 42 6.39 -16.12 -14.31
CA GLN A 42 5.36 -16.49 -13.36
C GLN A 42 5.84 -16.13 -11.96
N LEU A 43 4.94 -15.56 -11.16
CA LEU A 43 5.26 -15.08 -9.82
C LEU A 43 4.36 -15.80 -8.83
N ASP A 44 4.97 -16.49 -7.88
CA ASP A 44 4.23 -17.20 -6.84
C ASP A 44 4.33 -16.43 -5.52
N ALA A 45 3.63 -16.94 -4.51
CA ALA A 45 3.53 -16.22 -3.23
C ALA A 45 4.90 -15.95 -2.64
N ALA A 46 5.82 -16.92 -2.72
CA ALA A 46 7.13 -16.77 -2.10
C ALA A 46 7.87 -15.56 -2.69
N GLY A 47 7.88 -15.44 -4.01
CA GLY A 47 8.53 -14.29 -4.63
C GLY A 47 7.84 -12.99 -4.31
N PHE A 48 6.51 -12.97 -4.33
CA PHE A 48 5.76 -11.79 -3.91
C PHE A 48 6.20 -11.33 -2.53
N GLN A 49 6.29 -12.26 -1.58
CA GLN A 49 6.70 -11.91 -0.23
C GLN A 49 8.13 -11.38 -0.21
N LYS A 50 9.03 -12.02 -0.96
CA LYS A 50 10.41 -11.56 -0.98
C LYS A 50 10.53 -10.17 -1.59
N ILE A 51 9.68 -9.84 -2.55
CA ILE A 51 9.69 -8.49 -3.12
C ILE A 51 9.26 -7.47 -2.08
N TYR A 52 8.14 -7.74 -1.40
CA TYR A 52 7.70 -6.86 -0.32
C TYR A 52 8.75 -6.77 0.77
N LYS A 53 9.60 -7.80 0.92
CA LYS A 53 10.65 -7.76 1.92
C LYS A 53 11.76 -6.79 1.56
N GLN A 54 11.96 -6.54 0.26
CA GLN A 54 12.95 -5.56 -0.15
C GLN A 54 12.53 -4.15 0.24
N PHE A 55 11.23 -3.85 0.13
CA PHE A 55 10.74 -2.53 0.51
C PHE A 55 10.68 -2.35 2.02
N PHE A 56 10.51 -3.44 2.78
CA PHE A 56 10.33 -3.38 4.22
C PHE A 56 11.20 -4.44 4.87
N PRO A 57 12.52 -4.21 4.90
CA PRO A 57 13.43 -5.22 5.44
C PRO A 57 13.27 -5.45 6.94
N PHE A 58 12.80 -4.47 7.69
CA PHE A 58 12.75 -4.57 9.14
C PHE A 58 11.42 -5.07 9.67
N GLY A 59 10.44 -5.30 8.79
CA GLY A 59 9.16 -5.85 9.18
C GLY A 59 8.98 -7.28 8.69
N ASP A 60 7.84 -7.85 9.05
CA ASP A 60 7.43 -9.15 8.55
C ASP A 60 6.33 -8.95 7.50
N PRO A 61 6.65 -8.92 6.21
CA PRO A 61 5.63 -8.69 5.18
C PRO A 61 4.85 -9.94 4.78
N THR A 62 5.02 -11.04 5.50
CA THR A 62 4.38 -12.30 5.13
C THR A 62 2.88 -12.13 4.98
N LYS A 63 2.19 -11.80 6.07
CA LYS A 63 0.73 -11.75 6.06
C LYS A 63 0.21 -10.82 4.97
N PHE A 64 0.68 -9.57 4.95
CA PHE A 64 0.13 -8.59 4.03
C PHE A 64 0.43 -8.98 2.58
N ALA A 65 1.64 -9.44 2.30
CA ALA A 65 1.97 -9.87 0.94
C ALA A 65 1.04 -10.99 0.51
N THR A 66 0.77 -11.93 1.41
CA THR A 66 -0.15 -13.02 1.09
C THR A 66 -1.54 -12.51 0.76
N PHE A 67 -2.04 -11.54 1.53
CA PHE A 67 -3.36 -10.97 1.26
C PHE A 67 -3.40 -10.24 -0.08
N VAL A 68 -2.33 -9.52 -0.41
CA VAL A 68 -2.27 -8.82 -1.69
C VAL A 68 -2.12 -9.81 -2.83
N PHE A 69 -1.33 -10.87 -2.61
CA PHE A 69 -1.20 -11.91 -3.63
C PHE A 69 -2.55 -12.56 -3.91
N ASN A 70 -3.41 -12.67 -2.90
CA ASN A 70 -4.73 -13.24 -3.09
C ASN A 70 -5.53 -12.41 -4.09
N VAL A 71 -5.34 -11.10 -4.09
CA VAL A 71 -6.11 -10.23 -4.97
C VAL A 71 -5.50 -10.20 -6.37
N PHE A 72 -4.17 -10.12 -6.46
CA PHE A 72 -3.50 -10.19 -7.75
C PHE A 72 -3.91 -11.45 -8.50
N ASP A 73 -3.89 -12.59 -7.81
CA ASP A 73 -4.22 -13.88 -8.39
C ASP A 73 -5.73 -13.95 -8.64
N GLU A 74 -6.16 -13.28 -9.70
CA GLU A 74 -7.58 -13.24 -10.02
C GLU A 74 -8.16 -14.64 -10.15
N ASN A 75 -7.53 -15.49 -10.96
CA ASN A 75 -8.07 -16.81 -11.24
C ASN A 75 -7.71 -17.82 -10.18
N LYS A 76 -7.04 -17.40 -9.11
CA LYS A 76 -6.82 -18.24 -7.93
C LYS A 76 -6.18 -19.58 -8.30
N ASP A 77 -5.11 -19.51 -9.08
CA ASP A 77 -4.38 -20.71 -9.48
C ASP A 77 -2.98 -20.78 -8.85
N GLY A 78 -2.65 -19.84 -7.96
CA GLY A 78 -1.38 -19.85 -7.27
C GLY A 78 -0.27 -19.09 -7.94
N ARG A 79 -0.46 -18.66 -9.18
CA ARG A 79 0.53 -17.89 -9.91
C ARG A 79 -0.05 -16.54 -10.32
N ILE A 80 0.84 -15.57 -10.48
CA ILE A 80 0.49 -14.26 -11.02
C ILE A 80 1.12 -14.19 -12.40
N GLU A 81 0.31 -14.37 -13.44
CA GLU A 81 0.77 -14.12 -14.80
C GLU A 81 0.76 -12.63 -15.09
N PHE A 82 1.36 -12.24 -16.21
CA PHE A 82 1.49 -10.82 -16.51
C PHE A 82 0.12 -10.16 -16.67
N SER A 83 -0.82 -10.85 -17.31
CA SER A 83 -2.14 -10.28 -17.50
C SER A 83 -2.79 -9.90 -16.18
N GLU A 84 -2.54 -10.67 -15.11
CA GLU A 84 -3.03 -10.32 -13.78
C GLU A 84 -2.19 -9.19 -13.16
N PHE A 85 -0.87 -9.27 -13.33
CA PHE A 85 0.03 -8.23 -12.86
C PHE A 85 -0.37 -6.85 -13.38
N ILE A 86 -0.52 -6.71 -14.70
CA ILE A 86 -0.79 -5.40 -15.26
C ILE A 86 -2.18 -4.91 -14.85
N GLN A 87 -3.14 -5.82 -14.74
CA GLN A 87 -4.51 -5.40 -14.43
C GLN A 87 -4.58 -4.83 -13.01
N ALA A 88 -3.99 -5.53 -12.04
CA ALA A 88 -3.97 -5.02 -10.68
C ALA A 88 -3.34 -3.62 -10.62
N LEU A 89 -2.18 -3.46 -11.26
CA LEU A 89 -1.52 -2.15 -11.28
C LEU A 89 -2.42 -1.09 -11.90
N SER A 90 -3.06 -1.42 -13.02
CA SER A 90 -3.91 -0.45 -13.72
C SER A 90 -5.06 0.01 -12.84
N VAL A 91 -5.71 -0.91 -12.12
CA VAL A 91 -6.83 -0.54 -11.28
C VAL A 91 -6.35 0.23 -10.04
N THR A 92 -5.31 -0.29 -9.38
CA THR A 92 -4.86 0.30 -8.12
C THR A 92 -4.26 1.68 -8.30
N SER A 93 -3.75 1.99 -9.50
CA SER A 93 -3.04 3.24 -9.74
C SER A 93 -3.80 4.24 -10.58
N ARG A 94 -4.68 3.79 -11.47
CA ARG A 94 -5.36 4.70 -12.39
C ARG A 94 -6.85 4.44 -12.49
N GLY A 95 -7.42 3.62 -11.61
CA GLY A 95 -8.82 3.31 -11.70
C GLY A 95 -9.70 4.37 -11.08
N THR A 96 -11.00 4.27 -11.38
CA THR A 96 -12.00 5.13 -10.76
C THR A 96 -12.01 4.80 -9.27
N LEU A 97 -12.69 5.65 -8.49
CA LEU A 97 -12.83 5.39 -7.05
C LEU A 97 -13.60 4.10 -6.79
N ASP A 98 -14.63 3.85 -7.60
CA ASP A 98 -15.43 2.63 -7.44
C ASP A 98 -14.58 1.39 -7.72
N GLU A 99 -13.67 1.46 -8.69
CA GLU A 99 -12.83 0.31 -8.99
C GLU A 99 -11.79 0.10 -7.89
N LYS A 100 -11.14 1.18 -7.45
CA LYS A 100 -10.18 1.05 -6.36
C LYS A 100 -10.86 0.50 -5.11
N LEU A 101 -12.09 0.93 -4.84
CA LEU A 101 -12.80 0.44 -3.66
C LEU A 101 -13.16 -1.04 -3.80
N ARG A 102 -13.54 -1.46 -5.01
CA ARG A 102 -13.79 -2.87 -5.24
C ARG A 102 -12.52 -3.69 -5.02
N TRP A 103 -11.40 -3.20 -5.53
CA TRP A 103 -10.12 -3.88 -5.29
C TRP A 103 -9.84 -3.95 -3.79
N ALA A 104 -10.10 -2.86 -3.07
CA ALA A 104 -9.84 -2.85 -1.64
C ALA A 104 -10.79 -3.79 -0.90
N PHE A 105 -12.07 -3.80 -1.28
CA PHE A 105 -13.00 -4.75 -0.66
C PHE A 105 -12.48 -6.17 -0.81
N LYS A 106 -11.93 -6.49 -1.99
CA LYS A 106 -11.41 -7.84 -2.22
C LYS A 106 -10.20 -8.13 -1.34
N LEU A 107 -9.33 -7.14 -1.15
CA LEU A 107 -8.21 -7.33 -0.22
C LEU A 107 -8.73 -7.63 1.18
N TYR A 108 -9.69 -6.84 1.65
CA TYR A 108 -10.23 -7.01 3.00
C TYR A 108 -11.07 -8.27 3.15
N ASP A 109 -11.59 -8.84 2.05
CA ASP A 109 -12.41 -10.06 2.10
C ASP A 109 -11.47 -11.25 1.98
N LEU A 110 -10.91 -11.68 3.11
CA LEU A 110 -9.81 -12.65 3.10
C LEU A 110 -10.27 -14.01 2.59
N ASP A 111 -11.42 -14.49 3.08
CA ASP A 111 -11.93 -15.79 2.68
C ASP A 111 -12.73 -15.75 1.38
N ASN A 112 -12.85 -14.57 0.76
CA ASN A 112 -13.47 -14.43 -0.56
C ASN A 112 -14.91 -14.94 -0.55
N ASP A 113 -15.64 -14.70 0.53
CA ASP A 113 -17.04 -15.09 0.63
C ASP A 113 -17.98 -13.94 0.36
N GLY A 114 -17.46 -12.77 -0.03
CA GLY A 114 -18.28 -11.64 -0.37
C GLY A 114 -18.58 -10.69 0.77
N TYR A 115 -18.10 -10.98 1.97
CA TYR A 115 -18.34 -10.12 3.13
C TYR A 115 -17.03 -9.84 3.85
N ILE A 116 -16.98 -8.70 4.53
CA ILE A 116 -15.85 -8.33 5.37
C ILE A 116 -16.33 -8.37 6.81
N THR A 117 -15.72 -9.24 7.62
CA THR A 117 -16.04 -9.32 9.03
C THR A 117 -15.10 -8.43 9.82
N ARG A 118 -15.45 -8.19 11.10
CA ARG A 118 -14.58 -7.42 11.96
C ARG A 118 -13.21 -8.07 12.06
N ASN A 119 -13.16 -9.40 12.19
CA ASN A 119 -11.88 -10.09 12.32
C ASN A 119 -11.06 -9.96 11.04
N GLU A 120 -11.70 -10.04 9.88
CA GLU A 120 -10.98 -9.88 8.62
C GLU A 120 -10.35 -8.50 8.54
N MET A 121 -11.12 -7.46 8.88
CA MET A 121 -10.56 -6.11 8.85
C MET A 121 -9.43 -5.96 9.87
N LEU A 122 -9.61 -6.51 11.07
CA LEU A 122 -8.55 -6.46 12.07
C LEU A 122 -7.30 -7.19 11.58
N ASP A 123 -7.48 -8.30 10.86
CA ASP A 123 -6.33 -9.06 10.37
C ASP A 123 -5.53 -8.26 9.35
N ILE A 124 -6.23 -7.49 8.51
CA ILE A 124 -5.53 -6.67 7.52
C ILE A 124 -4.68 -5.62 8.21
N VAL A 125 -5.26 -4.93 9.19
CA VAL A 125 -4.52 -3.89 9.91
C VAL A 125 -3.35 -4.50 10.66
N ASP A 126 -3.55 -5.70 11.22
CA ASP A 126 -2.45 -6.36 11.91
C ASP A 126 -1.36 -6.76 10.91
N ALA A 127 -1.75 -7.17 9.70
CA ALA A 127 -0.77 -7.50 8.68
C ALA A 127 0.00 -6.26 8.25
N ILE A 128 -0.68 -5.13 8.08
CA ILE A 128 0.00 -3.89 7.72
C ILE A 128 0.98 -3.49 8.82
N TYR A 129 0.55 -3.59 10.08
CA TYR A 129 1.42 -3.19 11.19
C TYR A 129 2.65 -4.10 11.29
N GLN A 130 2.46 -5.40 11.06
CA GLN A 130 3.61 -6.30 11.09
C GLN A 130 4.66 -5.90 10.05
N MET A 131 4.23 -5.29 8.94
CA MET A 131 5.14 -4.97 7.85
C MET A 131 5.78 -3.59 8.00
N VAL A 132 5.00 -2.59 8.38
CA VAL A 132 5.47 -1.21 8.43
C VAL A 132 5.40 -0.62 9.83
N GLY A 133 4.94 -1.38 10.82
CA GLY A 133 4.69 -0.80 12.13
C GLY A 133 5.89 -0.10 12.74
N ASN A 134 7.09 -0.60 12.49
CA ASN A 134 8.28 -0.12 13.19
C ASN A 134 9.13 0.82 12.34
N THR A 135 8.57 1.36 11.25
CA THR A 135 9.32 2.28 10.40
C THR A 135 8.54 3.51 9.94
N VAL A 136 7.22 3.41 9.76
CA VAL A 136 6.42 4.54 9.28
C VAL A 136 5.72 5.18 10.46
N GLU A 137 5.43 6.48 10.34
CA GLU A 137 4.69 7.18 11.38
C GLU A 137 3.24 6.70 11.41
N LEU A 138 2.75 6.46 12.61
CA LEU A 138 1.42 5.91 12.82
C LEU A 138 0.47 6.96 13.35
N PRO A 139 -0.85 6.77 13.16
CA PRO A 139 -1.80 7.78 13.66
C PRO A 139 -1.76 7.96 15.17
N GLU A 140 -1.59 6.87 15.92
CA GLU A 140 -1.56 6.98 17.38
C GLU A 140 -0.33 7.69 17.90
N GLU A 141 0.67 7.95 17.05
CA GLU A 141 1.88 8.65 17.44
C GLU A 141 1.83 10.13 17.11
N GLU A 142 0.73 10.61 16.53
CA GLU A 142 0.67 12.02 16.14
C GLU A 142 0.61 12.95 17.35
N ASN A 143 -0.06 12.51 18.41
CA ASN A 143 -0.26 13.37 19.58
C ASN A 143 0.33 12.75 20.85
N THR A 144 1.58 12.31 20.79
CA THR A 144 2.26 11.82 21.97
C THR A 144 2.59 12.98 22.90
N PRO A 145 2.83 12.69 24.18
CA PRO A 145 2.99 13.78 25.16
C PRO A 145 4.08 14.77 24.77
N GLU A 146 5.21 14.31 24.25
CA GLU A 146 6.29 15.23 23.89
C GLU A 146 5.90 16.11 22.72
N LYS A 147 5.20 15.55 21.73
CA LYS A 147 4.77 16.35 20.60
C LYS A 147 3.75 17.40 21.02
N ARG A 148 2.81 17.02 21.90
CA ARG A 148 1.84 17.99 22.41
C ARG A 148 2.57 19.15 23.08
N VAL A 149 3.53 18.85 23.95
CA VAL A 149 4.27 19.91 24.64
C VAL A 149 4.99 20.80 23.64
N ASP A 150 5.63 20.20 22.62
CA ASP A 150 6.38 21.00 21.66
C ASP A 150 5.46 21.92 20.86
N ARG A 151 4.25 21.45 20.53
CA ARG A 151 3.34 22.27 19.75
C ARG A 151 2.75 23.40 20.58
N ILE A 152 2.40 23.12 21.84
CA ILE A 152 1.90 24.18 22.71
C ILE A 152 2.98 25.22 22.95
N PHE A 153 4.18 24.76 23.32
CA PHE A 153 5.24 25.69 23.70
C PHE A 153 5.69 26.53 22.52
N ALA A 154 5.82 25.92 21.33
CA ALA A 154 6.21 26.68 20.15
C ALA A 154 5.18 27.77 19.84
N MET A 155 3.88 27.43 19.98
CA MET A 155 2.84 28.40 19.67
C MET A 155 2.75 29.49 20.73
N MET A 156 3.05 29.16 21.98
CA MET A 156 2.97 30.15 23.05
C MET A 156 4.20 31.04 23.12
N ASP A 157 5.35 30.53 22.66
CA ASP A 157 6.60 31.29 22.70
C ASP A 157 6.66 32.18 21.46
N LYS A 158 6.01 33.34 21.58
CA LYS A 158 5.87 34.22 20.42
C LYS A 158 7.21 34.81 20.00
N ASN A 159 8.00 35.30 20.97
CA ASN A 159 9.30 35.88 20.67
C ASN A 159 10.39 34.83 20.55
N ALA A 160 10.06 33.55 20.71
CA ALA A 160 10.97 32.44 20.45
C ALA A 160 12.32 32.63 21.18
N ASP A 161 12.25 33.02 22.44
CA ASP A 161 13.42 33.09 23.29
C ASP A 161 13.61 31.84 24.13
N GLY A 162 12.71 30.86 24.01
CA GLY A 162 12.79 29.64 24.78
C GLY A 162 12.17 29.72 26.16
N LYS A 163 11.54 30.85 26.51
CA LYS A 163 10.91 31.03 27.80
C LYS A 163 9.49 31.53 27.57
N LEU A 164 8.62 31.27 28.54
CA LEU A 164 7.22 31.72 28.47
C LEU A 164 6.94 32.66 29.62
N THR A 165 6.67 33.92 29.30
CA THR A 165 6.17 34.86 30.28
C THR A 165 4.70 34.56 30.56
N LEU A 166 4.20 35.10 31.69
CA LEU A 166 2.80 34.92 32.03
C LEU A 166 1.90 35.42 30.89
N GLN A 167 2.24 36.57 30.30
CA GLN A 167 1.43 37.10 29.22
C GLN A 167 1.39 36.13 28.05
N GLU A 168 2.55 35.64 27.62
CA GLU A 168 2.59 34.62 26.58
C GLU A 168 1.73 33.42 26.97
N PHE A 169 1.87 32.95 28.22
CA PHE A 169 1.11 31.79 28.67
C PHE A 169 -0.39 32.07 28.66
N GLN A 170 -0.79 33.25 29.14
CA GLN A 170 -2.21 33.60 29.14
C GLN A 170 -2.74 33.76 27.73
N GLU A 171 -2.11 34.63 26.93
CA GLU A 171 -2.58 34.86 25.57
C GLU A 171 -2.58 33.56 24.77
N GLY A 172 -1.52 32.76 24.91
CA GLY A 172 -1.42 31.52 24.17
C GLY A 172 -2.44 30.49 24.63
N SER A 173 -2.84 30.56 25.89
CA SER A 173 -3.87 29.65 26.40
C SER A 173 -5.23 29.92 25.78
N LYS A 174 -5.37 31.00 25.01
CA LYS A 174 -6.65 31.36 24.41
C LYS A 174 -6.50 31.48 22.89
CA CA B . -3.29 -16.49 -11.56
CA CA C . -14.99 -12.50 4.12
CA CA D . 8.91 33.97 25.07
C1 A1IPH E . 3.02 -0.35 -7.84
C10 A1IPH E . 6.62 -4.85 -8.89
C11 A1IPH E . 0.69 -0.70 -7.51
C12 A1IPH E . 5.73 -3.98 -9.52
C13 A1IPH E . 7.07 -4.49 -7.62
C14 A1IPH E . 0.40 0.27 -8.47
C15 A1IPH E . 7.07 -6.11 -9.54
C16 A1IPH E . 2.19 -2.10 -6.14
C17 A1IPH E . 7.88 -6.15 -10.69
C18 A1IPH E . 6.65 1.86 -9.53
C19 A1IPH E . 6.67 -7.33 -8.98
C2 A1IPH E . 5.33 -1.20 -6.98
C20 A1IPH E . 8.25 -7.36 -11.24
C21 A1IPH E . 8.35 -4.92 -11.37
C22 A1IPH E . 7.05 -8.54 -9.54
C23 A1IPH E . 1.77 -4.38 -5.61
C24 A1IPH E . 7.84 -8.56 -10.67
C25 A1IPH E . 6.37 3.05 -8.68
C26 A1IPH E . 3.18 -4.83 -5.46
C27 A1IPH E . 3.94 -5.70 -6.16
C28 A1IPH E . 9.34 -2.96 -11.64
C29 A1IPH E . 3.63 -6.53 -7.36
C3 A1IPH E . 2.73 0.63 -8.80
C30 A1IPH E . 5.19 -4.92 -4.51
C4 A1IPH E . 5.77 -2.47 -7.65
C5 A1IPH E . 4.85 0.54 -8.69
C6 A1IPH E . 2.00 -1.04 -7.17
C7 A1IPH E . 5.32 -2.82 -8.91
C8 A1IPH E . 6.66 -3.32 -7.02
C9 A1IPH E . 1.41 0.94 -9.12
N1 A1IPH E . 4.42 -0.38 -7.78
N2 A1IPH E . 3.89 1.18 -9.32
N3 A1IPH E . 9.06 -3.95 -10.74
N4 A1IPH E . 8.14 -4.64 -12.61
O1 A1IPH E . 6.16 0.68 -8.82
O2 A1IPH E . 1.71 -3.27 -6.56
O3 A1IPH E . 2.69 -1.92 -5.05
O4 A1IPH E . 3.96 -4.33 -4.43
O5 A1IPH E . 8.79 -3.36 -12.80
O6 A1IPH E . 5.18 -5.77 -5.59
O7 A1IPH E . 9.94 -1.92 -11.51
O8 A1IPH E . 6.11 -4.72 -3.78
H7 A1IPH E . -0.02 -1.15 -7.09
H8 A1IPH E . 5.42 -4.20 -10.38
H9 A1IPH E . 7.68 -5.06 -7.17
H10 A1IPH E . -0.49 0.46 -8.67
H11 A1IPH E . 6.21 1.95 -10.38
H12 A1IPH E . 7.62 1.79 -9.68
H13 A1IPH E . 6.13 -7.32 -8.21
H2 A1IPH E . 4.88 -1.42 -6.14
H3 A1IPH E . 6.12 -0.66 -6.76
H14 A1IPH E . 8.79 -7.39 -12.01
H15 A1IPH E . 6.77 -9.35 -9.14
H16 A1IPH E . 1.23 -5.12 -5.94
H17 A1IPH E . 1.42 -4.09 -4.76
H18 A1IPH E . 8.11 -9.38 -11.04
H21 A1IPH E . 5.41 3.16 -8.58
H19 A1IPH E . 6.73 3.84 -9.10
H20 A1IPH E . 6.77 2.94 -7.80
H22 A1IPH E . 4.12 -7.37 -7.31
H23 A1IPH E . 3.89 -6.05 -8.17
H24 A1IPH E . 2.68 -6.72 -7.39
H4 A1IPH E . 4.71 -2.25 -9.36
H5 A1IPH E . 6.98 -3.10 -6.16
H6 A1IPH E . 1.21 1.60 -9.76
H1 A1IPH E . 9.33 -3.90 -9.87
S DMS F . -3.06 -4.91 15.83
O DMS F . -1.94 -5.44 16.66
C1 DMS F . -4.46 -4.48 16.90
C2 DMS F . -2.61 -3.25 15.21
H11 DMS F . -5.22 -4.01 16.32
H12 DMS F . -4.14 -3.81 17.65
H13 DMS F . -4.85 -5.35 17.34
H21 DMS F . -1.76 -3.33 14.59
H22 DMS F . -2.39 -2.62 16.03
H23 DMS F . -3.42 -2.84 14.66
S DMS G . -10.64 2.21 4.34
O DMS G . -11.15 1.20 5.32
C1 DMS G . -10.61 3.85 5.12
C2 DMS G . -11.89 2.51 3.05
H11 DMS G . -10.16 4.55 4.47
H12 DMS G . -10.05 3.80 6.02
H13 DMS G . -11.60 4.15 5.35
H21 DMS G . -12.75 2.95 3.50
H22 DMS G . -12.16 1.60 2.60
H23 DMS G . -11.49 3.16 2.32
#